data_1RY9
#
_entry.id   1RY9
#
_cell.length_a   50.878
_cell.length_b   87.682
_cell.length_c   58.703
_cell.angle_alpha   90.00
_cell.angle_beta   90.77
_cell.angle_gamma   90.00
#
_symmetry.space_group_name_H-M   'P 1 21 1'
#
loop_
_entity.id
_entity.type
_entity.pdbx_description
1 polymer 'Surface presentation of antigens protein spaK'
2 non-polymer 'CHLORIDE ION'
3 water water
#
_entity_poly.entity_id   1
_entity_poly.type   'polypeptide(L)'
_entity_poly.pdbx_seq_one_letter_code
;MRGSHHHHHHGSMSNINLVQLVRDSLFTIGCPPSIITDLDSHSAITISLDSMPAINIALVNEQVMLWANFDAPSDVKLQS
SAYNILNLMLMNFSYSINELVELHRSDEYLQLRVVIKDDYVHDGIVFAEILHEFYQRMEILNGVL
;
_entity_poly.pdbx_strand_id   A,B,C,D
#
loop_
_chem_comp.id
_chem_comp.type
_chem_comp.name
_chem_comp.formula
CL non-polymer 'CHLORIDE ION' 'Cl -1'
#
# COMPACT_ATOMS: atom_id res chain seq x y z
N MET A 13 -1.30 10.61 -13.55
CA MET A 13 -1.42 11.57 -12.41
C MET A 13 -2.74 11.38 -11.66
N SER A 14 -3.69 10.72 -12.30
CA SER A 14 -5.01 10.47 -11.72
C SER A 14 -5.57 9.15 -12.22
N ASN A 15 -6.54 8.60 -11.50
CA ASN A 15 -7.17 7.35 -11.93
C ASN A 15 -8.44 7.60 -12.76
N ILE A 16 -8.72 8.87 -13.09
CA ILE A 16 -9.92 9.25 -13.83
C ILE A 16 -10.20 8.46 -15.11
N ASN A 17 -9.17 8.27 -15.94
CA ASN A 17 -9.33 7.52 -17.19
C ASN A 17 -9.54 6.04 -16.95
N LEU A 18 -8.92 5.49 -15.91
CA LEU A 18 -9.10 4.09 -15.57
C LEU A 18 -10.52 3.88 -15.07
N VAL A 19 -11.01 4.81 -14.26
CA VAL A 19 -12.38 4.74 -13.75
C VAL A 19 -13.35 4.75 -14.93
N GLN A 20 -13.13 5.64 -15.90
CA GLN A 20 -14.01 5.71 -17.05
C GLN A 20 -13.95 4.44 -17.89
N LEU A 21 -12.77 3.84 -18.00
CA LEU A 21 -12.61 2.62 -18.76
C LEU A 21 -13.43 1.51 -18.13
N VAL A 22 -13.34 1.38 -16.81
CA VAL A 22 -14.04 0.34 -16.09
C VAL A 22 -15.55 0.56 -16.20
N ARG A 23 -15.98 1.81 -16.06
CA ARG A 23 -17.39 2.18 -16.17
C ARG A 23 -17.92 1.78 -17.55
N ASP A 24 -17.21 2.19 -18.59
CA ASP A 24 -17.58 1.88 -19.96
C ASP A 24 -17.68 0.37 -20.19
N SER A 25 -16.75 -0.37 -19.62
CA SER A 25 -16.73 -1.82 -19.77
C SER A 25 -17.96 -2.45 -19.15
N LEU A 26 -18.40 -1.91 -18.02
CA LEU A 26 -19.58 -2.43 -17.33
C LEU A 26 -20.89 -2.20 -18.10
N PHE A 27 -20.96 -1.14 -18.91
CA PHE A 27 -22.16 -0.94 -19.74
C PHE A 27 -22.24 -2.09 -20.73
N THR A 28 -21.08 -2.50 -21.25
CA THR A 28 -21.01 -3.58 -22.21
C THR A 28 -21.34 -4.94 -21.59
N ILE A 29 -20.91 -5.17 -20.36
CA ILE A 29 -21.18 -6.44 -19.68
C ILE A 29 -22.65 -6.52 -19.24
N GLY A 30 -23.23 -5.37 -18.89
CA GLY A 30 -24.61 -5.31 -18.44
C GLY A 30 -24.79 -5.05 -16.95
N CYS A 31 -23.70 -4.68 -16.26
CA CYS A 31 -23.75 -4.40 -14.83
C CYS A 31 -23.87 -2.89 -14.62
N PRO A 32 -24.40 -2.49 -13.47
CA PRO A 32 -24.54 -1.07 -13.15
C PRO A 32 -23.24 -0.52 -12.57
N PRO A 33 -23.00 0.79 -12.66
CA PRO A 33 -21.78 1.38 -12.09
C PRO A 33 -21.86 1.55 -10.57
N SER A 34 -22.90 0.99 -9.93
CA SER A 34 -23.06 1.05 -8.49
C SER A 34 -22.12 0.08 -7.77
N ILE A 35 -21.62 -0.91 -8.50
CA ILE A 35 -20.69 -1.90 -7.92
C ILE A 35 -19.24 -1.42 -7.97
N ILE A 36 -18.98 -0.30 -8.67
CA ILE A 36 -17.64 0.25 -8.78
C ILE A 36 -17.41 1.30 -7.69
N THR A 37 -16.30 1.18 -6.97
CA THR A 37 -15.98 2.16 -5.94
C THR A 37 -14.50 2.49 -5.91
N ASP A 38 -14.17 3.60 -5.27
CA ASP A 38 -12.80 4.01 -5.08
C ASP A 38 -12.72 4.92 -3.88
N LEU A 39 -11.51 5.11 -3.36
CA LEU A 39 -11.30 5.96 -2.19
C LEU A 39 -11.18 7.42 -2.61
N ASP A 40 -10.36 7.67 -3.62
CA ASP A 40 -10.13 9.01 -4.13
C ASP A 40 -9.58 8.93 -5.56
N SER A 41 -9.10 10.05 -6.08
CA SER A 41 -8.59 10.10 -7.45
C SER A 41 -7.23 9.43 -7.70
N HIS A 42 -6.62 8.84 -6.66
CA HIS A 42 -5.32 8.18 -6.84
C HIS A 42 -5.34 6.73 -6.38
N SER A 43 -6.50 6.24 -5.98
CA SER A 43 -6.60 4.90 -5.42
C SER A 43 -6.98 3.85 -6.42
N ALA A 44 -6.92 2.61 -5.96
CA ALA A 44 -7.34 1.48 -6.76
C ALA A 44 -8.87 1.54 -6.82
N ILE A 45 -9.41 0.93 -7.86
CA ILE A 45 -10.85 0.83 -8.07
C ILE A 45 -11.24 -0.57 -7.62
N THR A 46 -12.41 -0.71 -7.02
CA THR A 46 -12.89 -1.99 -6.55
C THR A 46 -14.25 -2.30 -7.18
N ILE A 47 -14.41 -3.53 -7.66
CA ILE A 47 -15.68 -4.00 -8.20
C ILE A 47 -16.15 -5.08 -7.25
N SER A 48 -17.17 -4.76 -6.47
CA SER A 48 -17.72 -5.71 -5.50
C SER A 48 -18.52 -6.78 -6.23
N LEU A 49 -18.30 -8.04 -5.83
CA LEU A 49 -18.98 -9.19 -6.42
C LEU A 49 -19.68 -10.00 -5.34
N ASP A 50 -20.82 -10.58 -5.70
CA ASP A 50 -21.59 -11.42 -4.78
C ASP A 50 -20.93 -12.79 -4.61
N SER A 51 -20.65 -13.16 -3.36
CA SER A 51 -20.07 -14.46 -3.03
C SER A 51 -18.65 -14.70 -3.53
N MET A 52 -17.95 -13.62 -3.88
CA MET A 52 -16.57 -13.73 -4.35
C MET A 52 -15.80 -12.49 -3.90
N PRO A 53 -14.48 -12.59 -3.82
CA PRO A 53 -13.65 -11.43 -3.52
C PRO A 53 -13.83 -10.37 -4.59
N ALA A 54 -13.57 -9.11 -4.25
CA ALA A 54 -13.69 -8.02 -5.19
C ALA A 54 -12.54 -8.04 -6.20
N ILE A 55 -12.81 -7.48 -7.38
CA ILE A 55 -11.78 -7.30 -8.38
C ILE A 55 -11.21 -5.92 -8.11
N ASN A 56 -9.90 -5.84 -7.95
CA ASN A 56 -9.22 -4.57 -7.74
C ASN A 56 -8.48 -4.20 -9.04
N ILE A 57 -8.52 -2.93 -9.40
CA ILE A 57 -7.91 -2.44 -10.63
C ILE A 57 -7.15 -1.15 -10.35
N ALA A 58 -5.88 -1.10 -10.75
CA ALA A 58 -5.09 0.10 -10.51
C ALA A 58 -3.95 0.22 -11.52
N LEU A 59 -3.45 1.44 -11.66
CA LEU A 59 -2.31 1.71 -12.51
C LEU A 59 -1.06 1.55 -11.65
N VAL A 60 -0.27 0.53 -11.95
CA VAL A 60 0.98 0.26 -11.22
C VAL A 60 2.13 0.31 -12.24
N ASN A 61 2.94 1.35 -12.15
CA ASN A 61 4.04 1.57 -13.09
C ASN A 61 3.55 1.72 -14.52
N GLU A 62 2.53 2.56 -14.68
CA GLU A 62 1.92 2.84 -15.99
C GLU A 62 1.33 1.60 -16.67
N GLN A 63 1.09 0.54 -15.89
CA GLN A 63 0.47 -0.67 -16.40
C GLN A 63 -0.75 -0.96 -15.56
N VAL A 64 -1.83 -1.39 -16.21
CA VAL A 64 -3.07 -1.70 -15.52
C VAL A 64 -2.98 -3.09 -14.92
N MET A 65 -3.19 -3.18 -13.62
CA MET A 65 -3.15 -4.44 -12.89
C MET A 65 -4.52 -4.75 -12.33
N LEU A 66 -4.92 -6.01 -12.46
CA LEU A 66 -6.17 -6.53 -11.92
C LEU A 66 -5.76 -7.57 -10.89
N TRP A 67 -6.40 -7.57 -9.73
CA TRP A 67 -6.09 -8.58 -8.73
C TRP A 67 -7.27 -8.87 -7.83
N ALA A 68 -7.30 -10.09 -7.30
CA ALA A 68 -8.35 -10.52 -6.40
C ALA A 68 -7.71 -11.32 -5.28
N ASN A 69 -8.08 -10.97 -4.06
CA ASN A 69 -7.55 -11.61 -2.86
C ASN A 69 -8.49 -12.65 -2.30
N PHE A 70 -8.09 -13.92 -2.40
CA PHE A 70 -8.87 -15.01 -1.82
C PHE A 70 -8.28 -15.37 -0.47
N ASP A 71 -9.12 -15.73 0.49
CA ASP A 71 -8.63 -16.16 1.78
C ASP A 71 -7.69 -17.33 1.50
N ALA A 72 -6.51 -17.30 2.10
CA ALA A 72 -5.50 -18.33 1.87
C ALA A 72 -5.97 -19.68 2.39
N PRO A 73 -5.91 -20.70 1.53
CA PRO A 73 -6.32 -22.05 1.93
C PRO A 73 -5.23 -22.71 2.76
N SER A 74 -5.62 -23.72 3.53
CA SER A 74 -4.65 -24.50 4.29
C SER A 74 -3.84 -25.29 3.28
N ASP A 75 -2.69 -25.79 3.70
CA ASP A 75 -1.86 -26.60 2.81
C ASP A 75 -2.62 -27.83 2.31
N VAL A 76 -3.37 -28.48 3.19
CA VAL A 76 -4.10 -29.67 2.80
C VAL A 76 -5.22 -29.39 1.81
N LYS A 77 -5.85 -28.22 1.93
CA LYS A 77 -6.90 -27.84 0.98
C LYS A 77 -6.28 -27.62 -0.38
N LEU A 78 -5.10 -27.01 -0.38
CA LEU A 78 -4.37 -26.75 -1.62
C LEU A 78 -3.99 -28.08 -2.26
N GLN A 79 -3.65 -29.06 -1.43
CA GLN A 79 -3.26 -30.38 -1.91
C GLN A 79 -4.42 -31.09 -2.61
N SER A 80 -5.61 -31.03 -2.04
CA SER A 80 -6.77 -31.69 -2.65
C SER A 80 -7.27 -30.97 -3.88
N SER A 81 -6.92 -29.69 -4.03
CA SER A 81 -7.34 -28.89 -5.17
C SER A 81 -6.18 -28.51 -6.11
N ALA A 82 -4.99 -29.03 -5.83
CA ALA A 82 -3.79 -28.67 -6.60
C ALA A 82 -3.90 -28.87 -8.11
N TYR A 83 -4.41 -30.01 -8.53
CA TYR A 83 -4.54 -30.32 -9.95
C TYR A 83 -5.43 -29.29 -10.64
N ASN A 84 -6.56 -28.98 -10.03
CA ASN A 84 -7.48 -28.01 -10.59
C ASN A 84 -6.87 -26.62 -10.65
N ILE A 85 -6.13 -26.24 -9.60
CA ILE A 85 -5.53 -24.91 -9.53
C ILE A 85 -4.40 -24.77 -10.53
N LEU A 86 -3.59 -25.82 -10.66
CA LEU A 86 -2.46 -25.80 -11.58
C LEU A 86 -2.97 -25.67 -13.01
N ASN A 87 -3.99 -26.45 -13.35
CA ASN A 87 -4.56 -26.41 -14.68
C ASN A 87 -5.11 -25.01 -14.98
N LEU A 88 -5.69 -24.36 -13.98
CA LEU A 88 -6.19 -22.99 -14.14
C LEU A 88 -5.02 -22.04 -14.43
N MET A 89 -3.96 -22.15 -13.64
CA MET A 89 -2.81 -21.27 -13.76
C MET A 89 -2.02 -21.44 -15.05
N LEU A 90 -2.11 -22.63 -15.66
CA LEU A 90 -1.41 -22.89 -16.92
C LEU A 90 -2.20 -22.43 -18.15
N MET A 91 -3.43 -21.98 -17.94
CA MET A 91 -4.26 -21.50 -19.04
C MET A 91 -3.74 -20.17 -19.53
N ASN A 92 -3.51 -20.06 -20.83
CA ASN A 92 -3.02 -18.81 -21.37
C ASN A 92 -4.09 -17.72 -21.23
N PHE A 93 -3.64 -16.48 -21.05
CA PHE A 93 -4.50 -15.31 -20.90
C PHE A 93 -3.87 -14.31 -21.86
N SER A 94 -4.52 -14.11 -23.00
CA SER A 94 -3.97 -13.34 -24.11
C SER A 94 -3.63 -11.88 -23.85
N TYR A 95 -4.30 -11.29 -22.87
CA TYR A 95 -4.18 -9.85 -22.63
C TYR A 95 -3.07 -9.48 -21.64
N SER A 96 -2.50 -10.50 -20.99
CA SER A 96 -1.47 -10.33 -19.97
C SER A 96 -0.12 -10.07 -20.59
N ILE A 97 0.73 -9.31 -19.88
CA ILE A 97 2.08 -8.99 -20.38
C ILE A 97 2.99 -10.22 -20.50
N ASN A 98 2.65 -11.29 -19.77
CA ASN A 98 3.40 -12.54 -19.83
C ASN A 98 2.54 -13.75 -20.27
N GLU A 99 1.34 -13.48 -20.79
CA GLU A 99 0.43 -14.50 -21.32
C GLU A 99 -0.21 -15.37 -20.26
N LEU A 100 -0.05 -14.98 -19.00
CA LEU A 100 -0.62 -15.76 -17.90
C LEU A 100 -1.29 -14.88 -16.87
N VAL A 101 -2.07 -15.52 -16.02
CA VAL A 101 -2.59 -14.91 -14.82
C VAL A 101 -1.63 -15.49 -13.76
N GLU A 102 -1.24 -14.65 -12.80
CA GLU A 102 -0.30 -15.04 -11.74
C GLU A 102 -1.00 -15.33 -10.43
N LEU A 103 -0.40 -16.21 -9.63
CA LEU A 103 -0.86 -16.53 -8.28
C LEU A 103 0.23 -16.11 -7.31
N HIS A 104 -0.10 -15.27 -6.33
CA HIS A 104 0.83 -14.84 -5.31
C HIS A 104 0.28 -15.26 -3.95
N ARG A 105 1.15 -15.81 -3.11
CA ARG A 105 0.72 -16.27 -1.81
C ARG A 105 1.35 -15.43 -0.71
N SER A 106 0.52 -15.01 0.23
CA SER A 106 0.95 -14.31 1.43
C SER A 106 0.34 -15.08 2.59
N ASP A 107 0.63 -14.66 3.81
CA ASP A 107 0.11 -15.34 5.00
C ASP A 107 -1.42 -15.36 5.01
N GLU A 108 -2.03 -14.26 4.57
CA GLU A 108 -3.47 -14.10 4.63
C GLU A 108 -4.24 -14.45 3.36
N TYR A 109 -3.65 -14.18 2.20
CA TYR A 109 -4.35 -14.39 0.93
C TYR A 109 -3.63 -15.20 -0.13
N LEU A 110 -4.43 -15.78 -1.02
CA LEU A 110 -3.94 -16.41 -2.24
C LEU A 110 -4.50 -15.42 -3.26
N GLN A 111 -3.62 -14.67 -3.90
CA GLN A 111 -4.02 -13.61 -4.80
C GLN A 111 -3.85 -13.95 -6.28
N LEU A 112 -4.92 -13.72 -7.04
CA LEU A 112 -4.91 -13.89 -8.49
C LEU A 112 -4.58 -12.50 -9.03
N ARG A 113 -3.59 -12.40 -9.90
CA ARG A 113 -3.12 -11.11 -10.40
C ARG A 113 -2.74 -11.16 -11.86
N VAL A 114 -3.07 -10.10 -12.59
CA VAL A 114 -2.68 -10.00 -13.99
C VAL A 114 -2.37 -8.55 -14.32
N VAL A 115 -1.36 -8.36 -15.16
CA VAL A 115 -0.97 -7.03 -15.62
C VAL A 115 -1.27 -7.03 -17.12
N ILE A 116 -2.08 -6.06 -17.53
CA ILE A 116 -2.55 -6.00 -18.90
C ILE A 116 -1.65 -5.16 -19.80
N LYS A 117 -1.44 -5.67 -21.01
CA LYS A 117 -0.65 -4.97 -22.02
C LYS A 117 -1.36 -3.66 -22.38
N ASP A 118 -0.58 -2.64 -22.68
CA ASP A 118 -1.14 -1.32 -23.02
C ASP A 118 -2.09 -1.36 -24.22
N ASP A 119 -1.90 -2.34 -25.11
CA ASP A 119 -2.74 -2.48 -26.31
C ASP A 119 -4.22 -2.68 -26.01
N TYR A 120 -4.52 -3.15 -24.81
CA TYR A 120 -5.89 -3.50 -24.44
C TYR A 120 -6.57 -2.64 -23.38
N VAL A 121 -6.02 -1.48 -23.04
CA VAL A 121 -6.62 -0.65 -21.99
C VAL A 121 -7.13 0.71 -22.47
N HIS A 122 -7.42 0.80 -23.75
CA HIS A 122 -7.92 2.03 -24.36
C HIS A 122 -9.21 1.77 -25.14
N ASP A 123 -9.87 0.68 -24.82
CA ASP A 123 -11.10 0.27 -25.50
C ASP A 123 -11.96 -0.49 -24.49
N GLY A 124 -13.03 0.13 -24.03
CA GLY A 124 -13.91 -0.45 -23.02
C GLY A 124 -14.56 -1.78 -23.41
N ILE A 125 -14.79 -1.98 -24.70
CA ILE A 125 -15.39 -3.22 -25.18
C ILE A 125 -14.37 -4.37 -24.99
N VAL A 126 -13.11 -4.09 -25.33
CA VAL A 126 -12.05 -5.09 -25.15
C VAL A 126 -11.81 -5.31 -23.66
N PHE A 127 -11.79 -4.24 -22.88
CA PHE A 127 -11.57 -4.37 -21.46
C PHE A 127 -12.71 -5.13 -20.79
N ALA A 128 -13.91 -5.07 -21.38
CA ALA A 128 -15.05 -5.83 -20.86
C ALA A 128 -14.71 -7.31 -20.96
N GLU A 129 -14.14 -7.72 -22.08
CA GLU A 129 -13.77 -9.11 -22.25
C GLU A 129 -12.70 -9.53 -21.27
N ILE A 130 -11.75 -8.63 -20.98
CA ILE A 130 -10.68 -8.91 -20.02
C ILE A 130 -11.27 -9.13 -18.62
N LEU A 131 -12.18 -8.25 -18.21
CA LEU A 131 -12.84 -8.36 -16.91
C LEU A 131 -13.65 -9.64 -16.83
N HIS A 132 -14.35 -9.96 -17.91
CA HIS A 132 -15.17 -11.16 -17.98
C HIS A 132 -14.31 -12.41 -17.80
N GLU A 133 -13.18 -12.47 -18.50
CA GLU A 133 -12.30 -13.63 -18.42
C GLU A 133 -11.63 -13.71 -17.06
N PHE A 134 -11.23 -12.58 -16.50
CA PHE A 134 -10.62 -12.57 -15.18
C PHE A 134 -11.63 -13.08 -14.16
N TYR A 135 -12.88 -12.63 -14.30
CA TYR A 135 -13.96 -13.07 -13.43
C TYR A 135 -14.16 -14.59 -13.56
N GLN A 136 -14.07 -15.11 -14.79
CA GLN A 136 -14.22 -16.55 -15.00
C GLN A 136 -13.10 -17.33 -14.32
N ARG A 137 -11.88 -16.82 -14.37
CA ARG A 137 -10.74 -17.47 -13.71
C ARG A 137 -10.99 -17.44 -12.20
N MET A 138 -11.51 -16.31 -11.71
CA MET A 138 -11.83 -16.16 -10.29
C MET A 138 -12.89 -17.18 -9.87
N GLU A 139 -13.88 -17.40 -10.73
CA GLU A 139 -14.97 -18.34 -10.46
C GLU A 139 -14.43 -19.76 -10.29
N ILE A 140 -13.50 -20.13 -11.17
CA ILE A 140 -12.91 -21.47 -11.15
C ILE A 140 -12.11 -21.68 -9.87
N LEU A 141 -11.29 -20.69 -9.50
CA LEU A 141 -10.49 -20.75 -8.29
C LEU A 141 -11.39 -20.81 -7.06
N ASN A 142 -12.40 -19.93 -7.04
CA ASN A 142 -13.36 -19.90 -5.92
C ASN A 142 -14.04 -21.25 -5.70
N GLY A 143 -14.37 -21.93 -6.79
CA GLY A 143 -15.03 -23.22 -6.73
C GLY A 143 -14.19 -24.33 -6.14
N VAL A 144 -12.87 -24.19 -6.19
CA VAL A 144 -11.97 -25.21 -5.64
C VAL A 144 -11.30 -24.81 -4.33
N LEU A 145 -11.64 -23.64 -3.80
CA LEU A 145 -11.11 -23.18 -2.52
C LEU A 145 -12.16 -23.38 -1.44
N MET B 13 21.44 -4.88 -29.13
CA MET B 13 22.77 -4.75 -29.78
C MET B 13 23.36 -6.14 -30.04
N SER B 14 23.81 -6.80 -28.98
CA SER B 14 24.36 -8.15 -29.08
C SER B 14 24.39 -8.81 -27.70
N ASN B 15 24.73 -10.09 -27.66
CA ASN B 15 24.77 -10.85 -26.42
C ASN B 15 26.16 -10.86 -25.75
N ILE B 16 27.07 -10.01 -26.21
CA ILE B 16 28.43 -9.98 -25.68
C ILE B 16 28.52 -9.64 -24.19
N ASN B 17 27.82 -8.60 -23.74
CA ASN B 17 27.84 -8.22 -22.33
C ASN B 17 27.18 -9.30 -21.47
N LEU B 18 26.12 -9.90 -22.01
CA LEU B 18 25.42 -10.97 -21.31
C LEU B 18 26.31 -12.22 -21.21
N VAL B 19 27.09 -12.51 -22.25
CA VAL B 19 27.97 -13.67 -22.23
C VAL B 19 29.03 -13.45 -21.15
N GLN B 20 29.56 -12.23 -21.07
CA GLN B 20 30.55 -11.89 -20.06
C GLN B 20 29.96 -11.96 -18.66
N LEU B 21 28.68 -11.59 -18.52
CA LEU B 21 28.02 -11.65 -17.22
C LEU B 21 27.89 -13.10 -16.80
N VAL B 22 27.47 -13.93 -17.73
CA VAL B 22 27.24 -15.35 -17.44
C VAL B 22 28.53 -16.08 -17.11
N ARG B 23 29.56 -15.88 -17.93
CA ARG B 23 30.81 -16.59 -17.66
C ARG B 23 31.43 -16.13 -16.34
N ASP B 24 31.30 -14.85 -16.01
CA ASP B 24 31.80 -14.33 -14.74
C ASP B 24 31.08 -14.99 -13.57
N SER B 25 29.75 -15.11 -13.70
CA SER B 25 28.93 -15.74 -12.67
C SER B 25 29.35 -17.19 -12.43
N LEU B 26 29.71 -17.91 -13.50
CA LEU B 26 30.12 -19.30 -13.39
C LEU B 26 31.43 -19.47 -12.62
N PHE B 27 32.35 -18.51 -12.72
CA PHE B 27 33.61 -18.59 -11.97
C PHE B 27 33.31 -18.51 -10.48
N THR B 28 32.31 -17.71 -10.13
CA THR B 28 31.90 -17.53 -8.74
C THR B 28 31.19 -18.78 -8.20
N ILE B 29 30.50 -19.50 -9.08
CA ILE B 29 29.77 -20.70 -8.69
C ILE B 29 30.70 -21.91 -8.56
N GLY B 30 31.79 -21.90 -9.33
CA GLY B 30 32.75 -23.00 -9.32
C GLY B 30 32.72 -23.87 -10.57
N CYS B 31 31.96 -23.45 -11.58
CA CYS B 31 31.91 -24.18 -12.85
C CYS B 31 32.78 -23.43 -13.86
N PRO B 32 33.18 -24.11 -14.93
CA PRO B 32 33.98 -23.47 -15.97
C PRO B 32 33.07 -22.81 -17.01
N PRO B 33 33.58 -21.85 -17.77
CA PRO B 33 32.78 -21.23 -18.83
C PRO B 33 32.65 -22.15 -20.06
N SER B 34 33.05 -23.41 -19.89
CA SER B 34 32.98 -24.41 -20.95
C SER B 34 31.56 -24.93 -21.11
N ILE B 35 30.79 -24.99 -20.03
CA ILE B 35 29.40 -25.45 -20.12
C ILE B 35 28.51 -24.42 -20.80
N ILE B 36 29.07 -23.24 -21.10
CA ILE B 36 28.34 -22.16 -21.76
C ILE B 36 28.49 -22.32 -23.28
N THR B 37 27.37 -22.35 -23.99
CA THR B 37 27.39 -22.46 -25.44
C THR B 37 26.48 -21.42 -26.05
N ASP B 38 26.65 -21.19 -27.35
CA ASP B 38 25.79 -20.28 -28.11
C ASP B 38 25.99 -20.49 -29.60
N LEU B 39 25.01 -20.05 -30.37
CA LEU B 39 25.04 -20.18 -31.83
C LEU B 39 25.87 -19.07 -32.47
N ASP B 40 25.67 -17.84 -31.96
CA ASP B 40 26.37 -16.68 -32.50
C ASP B 40 26.23 -15.51 -31.52
N SER B 41 26.60 -14.31 -31.97
CA SER B 41 26.56 -13.11 -31.12
C SER B 41 25.17 -12.51 -30.88
N HIS B 42 24.13 -13.07 -31.47
CA HIS B 42 22.76 -12.57 -31.27
C HIS B 42 21.82 -13.61 -30.70
N SER B 43 22.34 -14.79 -30.40
CA SER B 43 21.51 -15.88 -29.92
C SER B 43 21.46 -15.99 -28.41
N ALA B 44 20.61 -16.91 -27.97
CA ALA B 44 20.49 -17.22 -26.57
C ALA B 44 21.77 -17.99 -26.19
N ILE B 45 22.08 -17.95 -24.90
CA ILE B 45 23.21 -18.66 -24.34
C ILE B 45 22.60 -19.90 -23.69
N THR B 46 23.31 -21.01 -23.72
CA THR B 46 22.79 -22.25 -23.16
C THR B 46 23.82 -22.88 -22.21
N ILE B 47 23.37 -23.18 -21.00
CA ILE B 47 24.22 -23.84 -20.02
C ILE B 47 23.75 -25.27 -19.93
N SER B 48 24.58 -26.20 -20.41
CA SER B 48 24.25 -27.62 -20.38
C SER B 48 24.41 -28.13 -18.95
N LEU B 49 23.46 -28.94 -18.53
CA LEU B 49 23.46 -29.53 -17.19
C LEU B 49 23.34 -31.03 -17.31
N ASP B 50 23.90 -31.75 -16.34
CA ASP B 50 23.83 -33.21 -16.33
C ASP B 50 22.49 -33.67 -15.78
N SER B 51 21.78 -34.50 -16.55
CA SER B 51 20.50 -35.08 -16.15
C SER B 51 19.37 -34.08 -15.91
N MET B 52 19.45 -32.92 -16.54
CA MET B 52 18.41 -31.90 -16.44
C MET B 52 18.41 -31.04 -17.70
N PRO B 53 17.28 -30.40 -18.01
CA PRO B 53 17.22 -29.51 -19.16
C PRO B 53 18.26 -28.41 -19.04
N ALA B 54 18.68 -27.85 -20.17
CA ALA B 54 19.65 -26.78 -20.15
C ALA B 54 18.99 -25.50 -19.68
N ILE B 55 19.81 -24.60 -19.12
CA ILE B 55 19.34 -23.29 -18.74
C ILE B 55 19.61 -22.39 -19.94
N ASN B 56 18.57 -21.70 -20.39
CA ASN B 56 18.68 -20.80 -21.52
C ASN B 56 18.64 -19.38 -20.97
N ILE B 57 19.47 -18.51 -21.55
CA ILE B 57 19.57 -17.12 -21.10
C ILE B 57 19.66 -16.19 -22.31
N ALA B 58 18.82 -15.18 -22.36
CA ALA B 58 18.85 -14.25 -23.48
C ALA B 58 18.31 -12.89 -23.10
N LEU B 59 18.64 -11.90 -23.92
CA LEU B 59 18.13 -10.56 -23.75
C LEU B 59 16.85 -10.48 -24.58
N VAL B 60 15.73 -10.27 -23.90
CA VAL B 60 14.42 -10.14 -24.54
C VAL B 60 13.85 -8.77 -24.17
N ASN B 61 13.87 -7.85 -25.12
CA ASN B 61 13.40 -6.47 -24.90
C ASN B 61 14.20 -5.77 -23.79
N GLU B 62 15.52 -5.84 -23.89
CA GLU B 62 16.43 -5.22 -22.92
C GLU B 62 16.33 -5.80 -21.51
N GLN B 63 15.72 -6.97 -21.38
CA GLN B 63 15.58 -7.64 -20.10
C GLN B 63 16.16 -9.06 -20.21
N VAL B 64 16.86 -9.50 -19.18
CA VAL B 64 17.47 -10.82 -19.18
C VAL B 64 16.44 -11.84 -18.75
N MET B 65 16.26 -12.86 -19.59
CA MET B 65 15.31 -13.93 -19.32
C MET B 65 16.09 -15.22 -19.19
N LEU B 66 15.68 -16.02 -18.21
CA LEU B 66 16.23 -17.35 -18.00
C LEU B 66 15.05 -18.29 -18.20
N TRP B 67 15.27 -19.41 -18.86
CA TRP B 67 14.22 -20.40 -19.01
C TRP B 67 14.77 -21.79 -19.24
N ALA B 68 13.97 -22.78 -18.87
CA ALA B 68 14.32 -24.19 -19.04
C ALA B 68 13.08 -24.94 -19.47
N ASN B 69 13.24 -25.80 -20.46
CA ASN B 69 12.15 -26.56 -21.03
C ASN B 69 12.15 -28.01 -20.53
N PHE B 70 11.15 -28.37 -19.74
CA PHE B 70 11.01 -29.75 -19.26
C PHE B 70 9.98 -30.48 -20.13
N ASP B 71 10.22 -31.75 -20.41
CA ASP B 71 9.24 -32.54 -21.17
C ASP B 71 7.93 -32.49 -20.40
N ALA B 72 6.86 -32.12 -21.09
CA ALA B 72 5.56 -31.97 -20.46
C ALA B 72 5.08 -33.31 -19.92
N PRO B 73 4.61 -33.32 -18.68
CA PRO B 73 4.12 -34.55 -18.06
C PRO B 73 2.75 -34.91 -18.60
N SER B 74 2.40 -36.18 -18.50
CA SER B 74 1.09 -36.65 -18.92
C SER B 74 0.09 -36.07 -17.94
N ASP B 75 -1.18 -36.23 -18.26
CA ASP B 75 -2.23 -35.71 -17.40
C ASP B 75 -2.23 -36.40 -16.04
N VAL B 76 -2.05 -37.73 -16.04
CA VAL B 76 -2.05 -38.50 -14.79
C VAL B 76 -0.85 -38.17 -13.91
N LYS B 77 0.28 -37.86 -14.52
CA LYS B 77 1.47 -37.49 -13.76
C LYS B 77 1.23 -36.12 -13.14
N LEU B 78 0.58 -35.24 -13.89
CA LEU B 78 0.28 -33.91 -13.39
C LEU B 78 -0.62 -33.99 -12.16
N GLN B 79 -1.57 -34.94 -12.17
CA GLN B 79 -2.50 -35.13 -11.05
C GLN B 79 -1.74 -35.46 -9.75
N SER B 80 -0.77 -36.36 -9.84
CA SER B 80 -0.01 -36.76 -8.64
C SER B 80 1.02 -35.72 -8.21
N SER B 81 1.56 -34.95 -9.15
CA SER B 81 2.61 -33.99 -8.85
C SER B 81 2.14 -32.55 -8.73
N ALA B 82 0.85 -32.30 -8.97
CA ALA B 82 0.31 -30.94 -8.99
C ALA B 82 0.62 -30.14 -7.73
N TYR B 83 0.43 -30.75 -6.57
CA TYR B 83 0.65 -30.04 -5.31
C TYR B 83 2.10 -29.58 -5.16
N ASN B 84 3.04 -30.47 -5.48
CA ASN B 84 4.46 -30.12 -5.38
C ASN B 84 4.84 -29.03 -6.38
N ILE B 85 4.26 -29.09 -7.58
CA ILE B 85 4.55 -28.09 -8.60
C ILE B 85 3.96 -26.75 -8.17
N LEU B 86 2.76 -26.77 -7.62
CA LEU B 86 2.10 -25.55 -7.16
C LEU B 86 2.90 -24.90 -6.04
N ASN B 87 3.33 -25.69 -5.06
CA ASN B 87 4.13 -25.18 -3.96
C ASN B 87 5.39 -24.51 -4.50
N LEU B 88 6.00 -25.12 -5.50
CA LEU B 88 7.20 -24.56 -6.13
C LEU B 88 6.90 -23.23 -6.80
N MET B 89 5.81 -23.17 -7.55
CA MET B 89 5.46 -21.95 -8.28
CA MET B 89 5.37 -21.97 -8.28
C MET B 89 5.06 -20.80 -7.37
C MET B 89 5.13 -20.80 -7.34
N LEU B 90 4.62 -21.10 -6.15
CA LEU B 90 4.25 -20.08 -5.18
C LEU B 90 5.42 -19.53 -4.37
N MET B 91 6.61 -20.10 -4.55
CA MET B 91 7.80 -19.65 -3.83
C MET B 91 8.27 -18.34 -4.40
N ASN B 92 8.54 -17.39 -3.52
CA ASN B 92 8.99 -16.09 -3.97
C ASN B 92 10.40 -16.20 -4.55
N PHE B 93 10.68 -15.36 -5.54
CA PHE B 93 11.96 -15.30 -6.21
C PHE B 93 12.24 -13.80 -6.28
N SER B 94 13.15 -13.34 -5.43
CA SER B 94 13.39 -11.90 -5.24
C SER B 94 13.92 -11.10 -6.43
N TYR B 95 14.54 -11.77 -7.40
CA TYR B 95 15.20 -11.09 -8.50
C TYR B 95 14.32 -10.89 -9.74
N SER B 96 13.15 -11.52 -9.71
CA SER B 96 12.18 -11.52 -10.80
C SER B 96 11.39 -10.23 -10.84
N ILE B 97 10.98 -9.80 -12.03
CA ILE B 97 10.19 -8.59 -12.17
C ILE B 97 8.82 -8.68 -11.52
N ASN B 98 8.34 -9.90 -11.27
CA ASN B 98 7.05 -10.12 -10.60
C ASN B 98 7.18 -10.95 -9.31
N GLU B 99 8.39 -11.11 -8.82
CA GLU B 99 8.66 -11.85 -7.57
C GLU B 99 8.38 -13.34 -7.65
N LEU B 100 8.25 -13.86 -8.86
CA LEU B 100 7.99 -15.28 -9.05
C LEU B 100 8.80 -15.86 -10.20
N VAL B 101 8.86 -17.19 -10.21
CA VAL B 101 9.34 -17.92 -11.36
C VAL B 101 8.02 -18.33 -12.02
N GLU B 102 7.97 -18.21 -13.33
CA GLU B 102 6.75 -18.50 -14.09
C GLU B 102 6.78 -19.91 -14.65
N LEU B 103 5.60 -20.48 -14.83
CA LEU B 103 5.48 -21.79 -15.44
C LEU B 103 4.54 -21.67 -16.63
N HIS B 104 5.05 -21.99 -17.83
CA HIS B 104 4.26 -21.88 -19.04
C HIS B 104 4.19 -23.19 -19.78
N ARG B 105 3.08 -23.45 -20.44
CA ARG B 105 3.00 -24.56 -21.38
C ARG B 105 3.67 -23.93 -22.62
N SER B 106 4.60 -24.64 -23.22
CA SER B 106 5.33 -24.14 -24.39
C SER B 106 5.59 -25.32 -25.31
N ASP B 107 4.82 -25.41 -26.39
CA ASP B 107 4.94 -26.53 -27.33
C ASP B 107 4.82 -27.84 -26.52
N GLU B 108 5.76 -28.77 -26.67
CA GLU B 108 5.68 -30.05 -25.95
C GLU B 108 6.38 -30.01 -24.59
N TYR B 109 6.54 -28.82 -24.03
CA TYR B 109 7.26 -28.66 -22.76
C TYR B 109 6.50 -27.89 -21.69
N LEU B 110 6.93 -28.09 -20.45
CA LEU B 110 6.51 -27.28 -19.31
C LEU B 110 7.76 -26.44 -19.10
N GLN B 111 7.62 -25.14 -19.25
CA GLN B 111 8.76 -24.25 -19.19
C GLN B 111 8.79 -23.37 -17.94
N LEU B 112 9.92 -23.40 -17.25
CA LEU B 112 10.18 -22.54 -16.10
C LEU B 112 10.81 -21.29 -16.72
N ARG B 113 10.33 -20.12 -16.34
CA ARG B 113 10.82 -18.88 -16.94
C ARG B 113 10.82 -17.75 -15.93
N VAL B 114 11.85 -16.91 -15.98
CA VAL B 114 11.95 -15.73 -15.13
C VAL B 114 12.62 -14.59 -15.89
N VAL B 115 12.13 -13.38 -15.67
CA VAL B 115 12.71 -12.18 -16.25
C VAL B 115 13.30 -11.44 -15.07
N ILE B 116 14.59 -11.14 -15.15
CA ILE B 116 15.32 -10.53 -14.06
C ILE B 116 15.27 -9.00 -14.12
N LYS B 117 15.13 -8.37 -12.97
CA LYS B 117 15.12 -6.92 -12.88
C LYS B 117 16.51 -6.41 -13.24
N ASP B 118 16.56 -5.26 -13.90
CA ASP B 118 17.84 -4.68 -14.33
C ASP B 118 18.84 -4.48 -13.20
N ASP B 119 18.35 -4.32 -11.98
CA ASP B 119 19.20 -4.09 -10.81
C ASP B 119 20.22 -5.21 -10.59
N TYR B 120 19.92 -6.40 -11.07
CA TYR B 120 20.72 -7.58 -10.79
C TYR B 120 21.49 -8.21 -11.96
N VAL B 121 21.63 -7.49 -13.07
CA VAL B 121 22.31 -8.06 -14.24
C VAL B 121 23.61 -7.35 -14.64
N HIS B 122 24.20 -6.66 -13.68
CA HIS B 122 25.47 -5.95 -13.90
C HIS B 122 26.56 -6.38 -12.92
N ASP B 123 26.29 -7.46 -12.19
CA ASP B 123 27.20 -7.94 -11.16
C ASP B 123 27.17 -9.47 -11.22
N GLY B 124 28.25 -10.06 -11.72
CA GLY B 124 28.35 -11.51 -11.86
C GLY B 124 28.21 -12.30 -10.57
N ILE B 125 28.57 -11.71 -9.44
CA ILE B 125 28.45 -12.39 -8.15
C ILE B 125 26.97 -12.49 -7.78
N VAL B 126 26.21 -11.43 -8.00
CA VAL B 126 24.78 -11.48 -7.72
C VAL B 126 24.08 -12.41 -8.72
N PHE B 127 24.46 -12.33 -9.99
CA PHE B 127 23.85 -13.15 -11.01
C PHE B 127 24.14 -14.64 -10.77
N ALA B 128 25.25 -14.92 -10.10
CA ALA B 128 25.60 -16.29 -9.72
C ALA B 128 24.55 -16.84 -8.77
N GLU B 129 24.09 -16.03 -7.82
CA GLU B 129 23.07 -16.46 -6.89
C GLU B 129 21.75 -16.67 -7.63
N ILE B 130 21.49 -15.83 -8.63
CA ILE B 130 20.28 -15.97 -9.43
C ILE B 130 20.29 -17.32 -10.16
N LEU B 131 21.40 -17.65 -10.80
CA LEU B 131 21.53 -18.92 -11.51
C LEU B 131 21.39 -20.10 -10.56
N HIS B 132 22.01 -20.00 -9.39
CA HIS B 132 21.96 -21.04 -8.37
C HIS B 132 20.53 -21.30 -7.92
N GLU B 133 19.76 -20.24 -7.66
CA GLU B 133 18.38 -20.40 -7.22
C GLU B 133 17.50 -20.93 -8.36
N PHE B 134 17.74 -20.46 -9.59
CA PHE B 134 16.96 -20.94 -10.71
C PHE B 134 17.22 -22.44 -10.89
N TYR B 135 18.48 -22.84 -10.77
CA TYR B 135 18.87 -24.25 -10.85
C TYR B 135 18.17 -25.05 -9.75
N GLN B 136 18.12 -24.49 -8.54
CA GLN B 136 17.45 -25.17 -7.43
C GLN B 136 15.96 -25.38 -7.71
N ARG B 137 15.30 -24.40 -8.33
CA ARG B 137 13.89 -24.54 -8.68
C ARG B 137 13.76 -25.63 -9.76
N MET B 138 14.71 -25.66 -10.70
CA MET B 138 14.71 -26.66 -11.76
C MET B 138 14.84 -28.05 -11.14
N GLU B 139 15.70 -28.18 -10.14
CA GLU B 139 15.92 -29.45 -9.44
C GLU B 139 14.61 -29.93 -8.81
N ILE B 140 13.88 -29.00 -8.21
CA ILE B 140 12.63 -29.33 -7.54
C ILE B 140 11.61 -29.82 -8.56
N LEU B 141 11.47 -29.11 -9.67
CA LEU B 141 10.53 -29.51 -10.71
C LEU B 141 10.92 -30.86 -11.32
N ASN B 142 12.22 -31.02 -11.59
CA ASN B 142 12.75 -32.26 -12.18
C ASN B 142 12.41 -33.47 -11.32
N GLY B 143 12.47 -33.30 -10.01
CA GLY B 143 12.20 -34.38 -9.07
C GLY B 143 10.76 -34.86 -9.03
N VAL B 144 9.82 -34.06 -9.55
CA VAL B 144 8.42 -34.46 -9.53
C VAL B 144 7.83 -34.70 -10.93
N LEU B 145 8.67 -34.68 -11.95
CA LEU B 145 8.21 -34.93 -13.32
C LEU B 145 8.61 -36.34 -13.77
N MET C 13 -24.90 4.18 24.96
CA MET C 13 -26.26 4.07 24.36
C MET C 13 -27.03 5.39 24.43
N SER C 14 -26.52 6.32 25.24
CA SER C 14 -27.13 7.64 25.41
C SER C 14 -26.04 8.67 25.71
N ASN C 15 -26.34 9.95 25.50
CA ASN C 15 -25.37 11.00 25.78
C ASN C 15 -25.52 11.60 27.19
N ILE C 16 -26.36 11.00 28.03
CA ILE C 16 -26.65 11.55 29.36
C ILE C 16 -25.44 11.75 30.27
N ASN C 17 -24.51 10.81 30.29
CA ASN C 17 -23.30 10.95 31.10
C ASN C 17 -22.43 12.07 30.56
N LEU C 18 -22.40 12.22 29.24
CA LEU C 18 -21.61 13.28 28.62
C LEU C 18 -22.23 14.64 28.95
N VAL C 19 -23.55 14.73 28.92
CA VAL C 19 -24.24 15.97 29.25
C VAL C 19 -23.92 16.35 30.70
N GLN C 20 -23.95 15.36 31.59
CA GLN C 20 -23.67 15.61 32.99
C GLN C 20 -22.23 16.04 33.21
N LEU C 21 -21.31 15.48 32.44
CA LEU C 21 -19.90 15.83 32.55
C LEU C 21 -19.68 17.27 32.14
N VAL C 22 -20.32 17.67 31.04
CA VAL C 22 -20.18 19.02 30.52
C VAL C 22 -20.82 20.00 31.49
N ARG C 23 -21.96 19.63 32.06
CA ARG C 23 -22.66 20.46 33.03
C ARG C 23 -21.78 20.72 34.25
N ASP C 24 -21.21 19.63 34.77
CA ASP C 24 -20.33 19.70 35.94
C ASP C 24 -19.09 20.53 35.66
N SER C 25 -18.56 20.41 34.46
CA SER C 25 -17.35 21.15 34.07
C SER C 25 -17.60 22.64 33.95
N LEU C 26 -18.67 23.01 33.25
CA LEU C 26 -19.02 24.42 33.07
C LEU C 26 -19.35 25.04 34.41
N PHE C 27 -19.80 24.21 35.33
CA PHE C 27 -20.11 24.65 36.68
C PHE C 27 -18.81 25.10 37.34
N THR C 28 -17.77 24.29 37.17
CA THR C 28 -16.44 24.57 37.72
C THR C 28 -15.82 25.81 37.09
N ILE C 29 -16.08 26.04 35.80
CA ILE C 29 -15.52 27.19 35.11
C ILE C 29 -16.24 28.48 35.54
N GLY C 30 -17.50 28.36 35.96
CA GLY C 30 -18.28 29.49 36.40
C GLY C 30 -19.35 29.95 35.42
N CYS C 31 -19.51 29.23 34.31
CA CYS C 31 -20.51 29.56 33.30
C CYS C 31 -21.87 28.98 33.68
N PRO C 32 -22.94 29.60 33.19
CA PRO C 32 -24.29 29.10 33.46
C PRO C 32 -24.64 28.01 32.45
N PRO C 33 -25.52 27.08 32.83
CA PRO C 33 -25.94 26.01 31.91
C PRO C 33 -26.91 26.47 30.83
N SER C 34 -27.12 27.78 30.70
CA SER C 34 -28.00 28.32 29.66
C SER C 34 -27.31 28.28 28.30
N ILE C 35 -26.00 28.05 28.30
CA ILE C 35 -25.22 27.98 27.06
C ILE C 35 -25.08 26.56 26.51
N ILE C 36 -25.44 25.55 27.30
CA ILE C 36 -25.33 24.15 26.89
C ILE C 36 -26.65 23.61 26.35
N THR C 37 -26.60 23.03 25.15
CA THR C 37 -27.80 22.50 24.52
C THR C 37 -27.55 21.22 23.76
N ASP C 38 -28.64 20.54 23.45
CA ASP C 38 -28.59 19.33 22.64
C ASP C 38 -29.92 19.13 21.94
N LEU C 39 -29.92 18.27 20.93
CA LEU C 39 -31.12 17.96 20.15
C LEU C 39 -31.95 16.89 20.83
N ASP C 40 -31.27 15.82 21.24
CA ASP C 40 -31.90 14.70 21.90
C ASP C 40 -30.86 13.90 22.68
N SER C 41 -31.24 12.71 23.14
CA SER C 41 -30.34 11.88 23.94
C SER C 41 -29.24 11.16 23.16
N HIS C 42 -29.17 11.35 21.84
CA HIS C 42 -28.15 10.72 21.03
C HIS C 42 -27.31 11.71 20.24
N SER C 43 -27.57 13.00 20.44
CA SER C 43 -26.91 14.03 19.66
C SER C 43 -25.68 14.61 20.31
N ALA C 44 -25.02 15.47 19.55
CA ALA C 44 -23.88 16.20 20.03
C ALA C 44 -24.41 17.25 20.99
N ILE C 45 -23.56 17.68 21.91
CA ILE C 45 -23.86 18.75 22.85
C ILE C 45 -23.16 19.97 22.30
N THR C 46 -23.77 21.13 22.46
CA THR C 46 -23.22 22.37 21.95
C THR C 46 -23.13 23.41 23.07
N ILE C 47 -21.99 24.10 23.14
CA ILE C 47 -21.78 25.17 24.10
C ILE C 47 -21.67 26.44 23.26
N SER C 48 -22.67 27.31 23.35
CA SER C 48 -22.69 28.56 22.59
C SER C 48 -21.77 29.59 23.24
N LEU C 49 -20.95 30.22 22.41
CA LEU C 49 -19.98 31.21 22.87
C LEU C 49 -20.26 32.57 22.24
N ASP C 50 -19.84 33.62 22.94
CA ASP C 50 -20.02 34.97 22.47
C ASP C 50 -18.93 35.33 21.44
N SER C 51 -19.37 35.65 20.23
CA SER C 51 -18.48 36.07 19.14
C SER C 51 -17.46 35.02 18.71
N MET C 52 -17.80 33.75 18.88
CA MET C 52 -16.95 32.64 18.46
C MET C 52 -17.85 31.47 18.07
N PRO C 53 -17.35 30.56 17.24
CA PRO C 53 -18.13 29.36 16.91
C PRO C 53 -18.40 28.56 18.17
N ALA C 54 -19.45 27.74 18.14
CA ALA C 54 -19.80 26.92 19.29
C ALA C 54 -18.82 25.76 19.45
N ILE C 55 -18.70 25.28 20.68
CA ILE C 55 -17.90 24.09 20.96
C ILE C 55 -18.89 22.93 20.88
N ASN C 56 -18.58 21.95 20.06
CA ASN C 56 -19.41 20.77 19.93
C ASN C 56 -18.72 19.62 20.64
N ILE C 57 -19.49 18.80 21.34
CA ILE C 57 -18.96 17.67 22.11
C ILE C 57 -19.82 16.45 21.87
N ALA C 58 -19.21 15.34 21.47
CA ALA C 58 -19.96 14.12 21.23
C ALA C 58 -19.12 12.89 21.43
N LEU C 59 -19.81 11.78 21.66
CA LEU C 59 -19.18 10.48 21.80
C LEU C 59 -19.09 9.90 20.39
N VAL C 60 -17.87 9.78 19.88
CA VAL C 60 -17.62 9.21 18.57
C VAL C 60 -16.76 7.97 18.78
N ASN C 61 -17.34 6.80 18.55
CA ASN C 61 -16.64 5.52 18.74
C ASN C 61 -16.07 5.36 20.14
N GLU C 62 -16.92 5.57 21.14
CA GLU C 62 -16.55 5.44 22.56
C GLU C 62 -15.46 6.41 23.01
N GLN C 63 -15.24 7.47 22.24
CA GLN C 63 -14.26 8.49 22.57
C GLN C 63 -14.90 9.87 22.48
N VAL C 64 -14.57 10.74 23.42
CA VAL C 64 -15.11 12.09 23.46
C VAL C 64 -14.36 12.97 22.47
N MET C 65 -15.12 13.62 21.58
CA MET C 65 -14.53 14.51 20.59
C MET C 65 -15.07 15.90 20.80
N LEU C 66 -14.18 16.89 20.76
CA LEU C 66 -14.57 18.28 20.78
C LEU C 66 -14.22 18.86 19.42
N TRP C 67 -15.09 19.72 18.89
CA TRP C 67 -14.79 20.38 17.65
C TRP C 67 -15.51 21.72 17.52
N ALA C 68 -14.91 22.61 16.74
CA ALA C 68 -15.47 23.92 16.48
C ALA C 68 -15.26 24.24 15.01
N ASN C 69 -16.31 24.75 14.39
CA ASN C 69 -16.31 25.07 12.97
C ASN C 69 -16.18 26.56 12.72
N PHE C 70 -15.03 26.97 12.20
CA PHE C 70 -14.78 28.35 11.84
C PHE C 70 -15.07 28.52 10.35
N ASP C 71 -15.58 29.68 9.95
CA ASP C 71 -15.82 29.96 8.55
C ASP C 71 -14.46 29.83 7.86
N ALA C 72 -14.41 29.09 6.76
CA ALA C 72 -13.17 28.84 6.05
C ALA C 72 -12.62 30.13 5.46
N PRO C 73 -11.35 30.43 5.75
CA PRO C 73 -10.73 31.64 5.21
C PRO C 73 -10.31 31.44 3.76
N SER C 74 -10.11 32.53 3.03
CA SER C 74 -9.64 32.44 1.66
C SER C 74 -8.19 31.97 1.74
N ASP C 75 -7.63 31.53 0.62
CA ASP C 75 -6.24 31.08 0.59
C ASP C 75 -5.30 32.23 0.97
N VAL C 76 -5.60 33.44 0.51
CA VAL C 76 -4.73 34.59 0.82
C VAL C 76 -4.77 34.97 2.30
N LYS C 77 -5.93 34.81 2.94
CA LYS C 77 -6.04 35.11 4.37
C LYS C 77 -5.22 34.06 5.12
N LEU C 78 -5.29 32.82 4.66
CA LEU C 78 -4.54 31.74 5.26
C LEU C 78 -3.06 32.02 5.12
N GLN C 79 -2.66 32.58 3.99
CA GLN C 79 -1.25 32.90 3.75
C GLN C 79 -0.73 33.95 4.73
N SER C 80 -1.53 34.98 5.00
CA SER C 80 -1.09 36.04 5.91
C SER C 80 -1.11 35.61 7.38
N SER C 81 -1.88 34.57 7.68
CA SER C 81 -2.02 34.07 9.07
C SER C 81 -1.39 32.69 9.25
N ALA C 82 -0.77 32.16 8.19
CA ALA C 82 -0.20 30.82 8.21
C ALA C 82 0.77 30.56 9.36
N TYR C 83 1.70 31.47 9.59
CA TYR C 83 2.69 31.30 10.65
C TYR C 83 2.00 31.14 12.01
N ASN C 84 1.05 32.01 12.30
CA ASN C 84 0.30 31.95 13.56
C ASN C 84 -0.51 30.66 13.71
N ILE C 85 -1.14 30.23 12.62
CA ILE C 85 -1.97 29.04 12.66
C ILE C 85 -1.13 27.79 12.83
N LEU C 86 0.01 27.76 12.15
CA LEU C 86 0.89 26.61 12.22
C LEU C 86 1.47 26.47 13.63
N ASN C 87 1.88 27.59 14.22
CA ASN C 87 2.43 27.56 15.57
C ASN C 87 1.38 27.04 16.55
N LEU C 88 0.13 27.45 16.33
CA LEU C 88 -0.97 27.00 17.16
C LEU C 88 -1.14 25.49 17.03
N MET C 89 -1.14 24.98 15.80
CA MET C 89 -1.36 23.58 15.54
C MET C 89 -0.23 22.66 16.02
N LEU C 90 0.98 23.21 16.12
CA LEU C 90 2.13 22.45 16.58
C LEU C 90 2.22 22.40 18.12
N MET C 91 1.35 23.15 18.80
CA MET C 91 1.32 23.16 20.26
C MET C 91 0.77 21.84 20.77
N ASN C 92 1.52 21.18 21.65
CA ASN C 92 1.05 19.93 22.22
C ASN C 92 -0.19 20.18 23.06
N PHE C 93 -1.07 19.18 23.11
CA PHE C 93 -2.32 19.25 23.86
C PHE C 93 -2.31 17.92 24.61
N SER C 94 -2.06 18.00 25.92
CA SER C 94 -1.83 16.84 26.77
C SER C 94 -2.95 15.82 26.85
N TYR C 95 -4.18 16.28 26.64
CA TYR C 95 -5.35 15.43 26.82
C TYR C 95 -5.79 14.69 25.58
N SER C 96 -5.16 15.02 24.44
CA SER C 96 -5.48 14.42 23.15
C SER C 96 -4.86 13.03 23.00
N ILE C 97 -5.55 12.15 22.29
CA ILE C 97 -5.05 10.79 22.07
C ILE C 97 -3.75 10.81 21.28
N ASN C 98 -3.55 11.83 20.46
CA ASN C 98 -2.33 11.96 19.66
C ASN C 98 -1.46 13.17 20.05
N GLU C 99 -1.74 13.77 21.20
CA GLU C 99 -0.98 14.92 21.73
C GLU C 99 -1.17 16.22 20.96
N LEU C 100 -2.17 16.26 20.08
CA LEU C 100 -2.40 17.41 19.22
C LEU C 100 -3.87 17.74 19.09
N VAL C 101 -4.14 18.99 18.72
CA VAL C 101 -5.47 19.40 18.28
C VAL C 101 -5.31 19.34 16.76
N GLU C 102 -6.36 18.89 16.06
CA GLU C 102 -6.30 18.74 14.60
C GLU C 102 -7.06 19.84 13.88
N LEU C 103 -6.63 20.13 12.66
CA LEU C 103 -7.30 21.09 11.80
C LEU C 103 -7.77 20.34 10.56
N HIS C 104 -9.08 20.41 10.29
CA HIS C 104 -9.67 19.77 9.10
C HIS C 104 -10.30 20.85 8.23
N ARG C 105 -10.13 20.74 6.91
CA ARG C 105 -10.67 21.74 6.01
C ARG C 105 -11.74 21.16 5.09
N SER C 106 -12.84 21.88 4.98
CA SER C 106 -13.90 21.57 4.03
C SER C 106 -14.15 22.86 3.24
N ASP C 107 -15.00 22.80 2.23
CA ASP C 107 -15.30 23.97 1.43
C ASP C 107 -15.83 25.12 2.30
N GLU C 108 -16.63 24.77 3.30
CA GLU C 108 -17.27 25.77 4.16
C GLU C 108 -16.53 26.13 5.45
N TYR C 109 -15.90 25.16 6.08
CA TYR C 109 -15.25 25.39 7.38
C TYR C 109 -13.80 24.95 7.53
N LEU C 110 -13.14 25.59 8.48
CA LEU C 110 -11.82 25.19 8.96
C LEU C 110 -12.22 24.73 10.36
N GLN C 111 -12.09 23.44 10.61
CA GLN C 111 -12.53 22.84 11.86
C GLN C 111 -11.39 22.42 12.79
N LEU C 112 -11.49 22.88 14.05
CA LEU C 112 -10.56 22.52 15.10
C LEU C 112 -11.19 21.30 15.76
N ARG C 113 -10.43 20.22 15.91
CA ARG C 113 -10.98 18.99 16.45
C ARG C 113 -9.98 18.26 17.32
N VAL C 114 -10.46 17.66 18.41
CA VAL C 114 -9.61 16.89 19.28
C VAL C 114 -10.40 15.73 19.89
N VAL C 115 -9.74 14.60 20.01
CA VAL C 115 -10.32 13.42 20.63
C VAL C 115 -9.59 13.25 21.95
N ILE C 116 -10.36 13.21 23.02
CA ILE C 116 -9.80 13.17 24.36
C ILE C 116 -9.65 11.74 24.85
N LYS C 117 -8.52 11.47 25.51
CA LYS C 117 -8.25 10.16 26.09
C LYS C 117 -9.28 9.87 27.18
N ASP C 118 -9.63 8.59 27.32
CA ASP C 118 -10.62 8.16 28.30
C ASP C 118 -10.26 8.49 29.76
N ASP C 119 -8.97 8.67 30.04
CA ASP C 119 -8.49 9.00 31.39
C ASP C 119 -9.01 10.34 31.89
N TYR C 120 -9.44 11.19 30.99
CA TYR C 120 -9.85 12.55 31.33
C TYR C 120 -11.33 12.89 31.18
N VAL C 121 -12.18 11.89 30.96
CA VAL C 121 -13.60 12.17 30.73
C VAL C 121 -14.53 11.62 31.79
N HIS C 122 -13.99 11.39 32.99
CA HIS C 122 -14.76 10.86 34.12
C HIS C 122 -14.60 11.75 35.35
N ASP C 123 -14.15 12.97 35.11
CA ASP C 123 -13.92 13.93 36.17
C ASP C 123 -14.19 15.33 35.60
N GLY C 124 -15.27 15.95 36.07
CA GLY C 124 -15.68 17.27 35.59
C GLY C 124 -14.70 18.40 35.83
N ILE C 125 -13.90 18.28 36.89
CA ILE C 125 -12.91 19.31 37.22
C ILE C 125 -11.78 19.25 36.19
N VAL C 126 -11.34 18.04 35.85
CA VAL C 126 -10.31 17.85 34.85
C VAL C 126 -10.87 18.22 33.48
N PHE C 127 -12.11 17.81 33.20
CA PHE C 127 -12.70 18.14 31.91
C PHE C 127 -12.87 19.64 31.73
N ALA C 128 -13.06 20.36 32.83
CA ALA C 128 -13.18 21.81 32.78
C ALA C 128 -11.89 22.42 32.24
N GLU C 129 -10.75 21.87 32.63
CA GLU C 129 -9.47 22.38 32.13
C GLU C 129 -9.33 22.10 30.65
N ILE C 130 -9.82 20.94 30.21
CA ILE C 130 -9.76 20.57 28.80
C ILE C 130 -10.59 21.55 27.97
N LEU C 131 -11.81 21.85 28.43
CA LEU C 131 -12.66 22.80 27.74
C LEU C 131 -12.06 24.20 27.73
N HIS C 132 -11.45 24.58 28.86
CA HIS C 132 -10.81 25.88 28.97
C HIS C 132 -9.67 26.00 27.98
N GLU C 133 -8.86 24.95 27.85
CA GLU C 133 -7.73 24.99 26.95
C GLU C 133 -8.18 24.94 25.49
N PHE C 134 -9.20 24.15 25.20
CA PHE C 134 -9.73 24.09 23.85
C PHE C 134 -10.27 25.46 23.46
N TYR C 135 -10.94 26.11 24.40
CA TYR C 135 -11.48 27.44 24.19
C TYR C 135 -10.34 28.42 23.87
N GLN C 136 -9.24 28.31 24.61
CA GLN C 136 -8.08 29.19 24.39
C GLN C 136 -7.48 28.98 23.01
N ARG C 137 -7.46 27.73 22.54
CA ARG C 137 -6.94 27.45 21.21
C ARG C 137 -7.90 28.07 20.19
N MET C 138 -9.20 28.02 20.47
CA MET C 138 -10.19 28.60 19.59
C MET C 138 -10.02 30.11 19.51
N GLU C 139 -9.74 30.74 20.65
CA GLU C 139 -9.52 32.19 20.73
C GLU C 139 -8.35 32.60 19.85
N ILE C 140 -7.27 31.82 19.89
CA ILE C 140 -6.07 32.12 19.13
C ILE C 140 -6.37 32.03 17.62
N LEU C 141 -7.06 30.97 17.22
CA LEU C 141 -7.41 30.79 15.82
C LEU C 141 -8.38 31.89 15.38
N ASN C 142 -9.37 32.17 16.21
CA ASN C 142 -10.36 33.21 15.91
C ASN C 142 -9.72 34.58 15.68
N GLY C 143 -8.69 34.88 16.45
CA GLY C 143 -8.01 36.16 16.36
C GLY C 143 -7.22 36.36 15.07
N VAL C 144 -6.83 35.27 14.42
CA VAL C 144 -6.07 35.35 13.17
C VAL C 144 -6.88 34.99 11.92
N LEU C 145 -8.19 34.76 12.09
CA LEU C 145 -9.06 34.45 10.96
C LEU C 145 -9.92 35.66 10.62
N MET D 13 2.91 -9.64 18.02
CA MET D 13 4.01 -10.51 18.53
C MET D 13 5.35 -10.09 17.94
N SER D 14 5.38 -9.88 16.63
CA SER D 14 6.59 -9.46 15.92
C SER D 14 6.27 -8.62 14.68
N ASN D 15 7.31 -8.09 14.06
CA ASN D 15 7.16 -7.26 12.87
C ASN D 15 7.29 -8.04 11.55
N ILE D 16 7.31 -9.37 11.62
CA ILE D 16 7.49 -10.20 10.42
C ILE D 16 6.39 -10.05 9.38
N ASN D 17 5.13 -10.01 9.80
CA ASN D 17 4.03 -9.80 8.86
C ASN D 17 4.15 -8.42 8.24
N LEU D 18 4.55 -7.45 9.06
CA LEU D 18 4.74 -6.08 8.59
C LEU D 18 5.91 -6.00 7.60
N VAL D 19 6.99 -6.74 7.87
CA VAL D 19 8.15 -6.71 6.98
C VAL D 19 7.74 -7.26 5.61
N GLN D 20 6.98 -8.34 5.60
CA GLN D 20 6.53 -8.94 4.35
C GLN D 20 5.57 -8.04 3.59
N LEU D 21 4.75 -7.27 4.31
CA LEU D 21 3.83 -6.35 3.67
C LEU D 21 4.64 -5.26 2.97
N VAL D 22 5.64 -4.75 3.68
CA VAL D 22 6.47 -3.66 3.16
C VAL D 22 7.32 -4.13 1.99
N ARG D 23 7.86 -5.35 2.11
CA ARG D 23 8.66 -5.92 1.04
C ARG D 23 7.82 -6.04 -0.25
N ASP D 24 6.61 -6.56 -0.10
CA ASP D 24 5.70 -6.75 -1.22
C ASP D 24 5.33 -5.41 -1.85
N SER D 25 5.16 -4.39 -1.02
CA SER D 25 4.78 -3.06 -1.49
C SER D 25 5.89 -2.38 -2.29
N LEU D 26 7.11 -2.43 -1.78
CA LEU D 26 8.24 -1.82 -2.48
C LEU D 26 8.48 -2.51 -3.80
N PHE D 27 8.15 -3.80 -3.84
CA PHE D 27 8.28 -4.60 -5.05
C PHE D 27 7.32 -4.10 -6.11
N THR D 28 6.10 -3.80 -5.69
CA THR D 28 5.07 -3.30 -6.59
C THR D 28 5.36 -1.87 -7.06
N ILE D 29 6.11 -1.12 -6.26
CA ILE D 29 6.47 0.26 -6.60
C ILE D 29 7.61 0.27 -7.62
N GLY D 30 8.38 -0.82 -7.67
CA GLY D 30 9.51 -0.92 -8.57
C GLY D 30 10.84 -0.88 -7.83
N CYS D 31 10.79 -0.49 -6.57
CA CYS D 31 11.99 -0.45 -5.72
C CYS D 31 12.37 -1.87 -5.32
N PRO D 32 13.63 -2.08 -4.96
CA PRO D 32 14.07 -3.41 -4.50
C PRO D 32 13.83 -3.55 -3.00
N PRO D 33 13.53 -4.75 -2.51
CA PRO D 33 13.35 -4.95 -1.05
C PRO D 33 14.64 -4.66 -0.27
N SER D 34 15.72 -4.32 -0.97
CA SER D 34 17.00 -4.01 -0.33
C SER D 34 16.95 -2.77 0.55
N ILE D 35 16.44 -1.65 0.03
CA ILE D 35 16.40 -0.41 0.83
C ILE D 35 15.69 -0.51 2.19
N ILE D 36 14.97 -1.62 2.41
CA ILE D 36 14.29 -1.86 3.69
C ILE D 36 15.28 -2.40 4.72
N THR D 37 15.15 -1.97 5.96
CA THR D 37 16.03 -2.46 7.02
C THR D 37 15.37 -2.39 8.38
N ASP D 38 15.93 -3.11 9.34
CA ASP D 38 15.44 -3.09 10.71
C ASP D 38 16.54 -3.50 11.68
N LEU D 39 16.29 -3.27 12.96
CA LEU D 39 17.25 -3.62 14.01
C LEU D 39 17.09 -5.08 14.41
N ASP D 40 15.83 -5.52 14.52
CA ASP D 40 15.52 -6.89 14.91
C ASP D 40 14.05 -7.17 14.60
N SER D 41 13.53 -8.30 15.07
CA SER D 41 12.15 -8.71 14.79
C SER D 41 11.06 -7.94 15.55
N HIS D 42 11.44 -6.98 16.40
CA HIS D 42 10.46 -6.20 17.16
C HIS D 42 10.60 -4.69 16.93
N SER D 43 11.50 -4.30 16.04
CA SER D 43 11.78 -2.89 15.82
C SER D 43 11.02 -2.33 14.63
N ALA D 44 11.16 -1.02 14.46
CA ALA D 44 10.57 -0.32 13.35
C ALA D 44 11.38 -0.68 12.11
N ILE D 45 10.72 -0.63 10.96
CA ILE D 45 11.34 -0.89 9.68
C ILE D 45 11.71 0.49 9.15
N THR D 46 12.85 0.60 8.46
CA THR D 46 13.30 1.88 7.92
C THR D 46 13.62 1.75 6.43
N ILE D 47 13.12 2.68 5.64
CA ILE D 47 13.36 2.72 4.21
C ILE D 47 14.18 3.97 3.93
N SER D 48 15.45 3.78 3.58
CA SER D 48 16.34 4.90 3.27
C SER D 48 15.96 5.53 1.95
N LEU D 49 15.99 6.87 1.92
CA LEU D 49 15.68 7.63 0.73
C LEU D 49 16.91 8.48 0.40
N ASP D 50 17.13 8.71 -0.89
CA ASP D 50 18.29 9.44 -1.38
C ASP D 50 18.58 10.79 -0.72
N SER D 51 17.77 11.80 -0.99
CA SER D 51 18.01 13.13 -0.44
C SER D 51 16.87 13.57 0.48
N MET D 52 16.38 12.62 1.27
CA MET D 52 15.28 12.89 2.21
C MET D 52 15.41 12.01 3.45
N PRO D 53 14.69 12.36 4.51
CA PRO D 53 14.68 11.52 5.72
C PRO D 53 14.12 10.15 5.40
N ALA D 54 14.50 9.15 6.19
CA ALA D 54 14.00 7.81 5.99
C ALA D 54 12.53 7.71 6.39
N ILE D 55 11.82 6.75 5.79
CA ILE D 55 10.46 6.45 6.16
C ILE D 55 10.54 5.35 7.19
N ASN D 56 9.92 5.57 8.34
CA ASN D 56 9.91 4.59 9.41
C ASN D 56 8.52 3.96 9.42
N ILE D 57 8.45 2.67 9.71
CA ILE D 57 7.19 1.94 9.71
C ILE D 57 7.20 0.97 10.88
N ALA D 58 6.16 1.00 11.69
CA ALA D 58 6.12 0.10 12.84
C ALA D 58 4.69 -0.16 13.29
N LEU D 59 4.53 -1.27 13.98
CA LEU D 59 3.26 -1.63 14.57
C LEU D 59 3.23 -0.98 15.96
N VAL D 60 2.32 -0.05 16.14
CA VAL D 60 2.13 0.65 17.42
C VAL D 60 0.69 0.37 17.86
N ASN D 61 0.53 -0.41 18.92
CA ASN D 61 -0.79 -0.77 19.44
C ASN D 61 -1.67 -1.40 18.35
N GLU D 62 -1.12 -2.39 17.66
CA GLU D 62 -1.81 -3.14 16.61
C GLU D 62 -2.20 -2.30 15.40
N GLN D 63 -1.57 -1.14 15.25
CA GLN D 63 -1.84 -0.25 14.12
C GLN D 63 -0.52 0.14 13.45
N VAL D 64 -0.54 0.18 12.13
CA VAL D 64 0.65 0.51 11.36
C VAL D 64 0.81 2.03 11.30
N MET D 65 1.98 2.48 11.75
CA MET D 65 2.31 3.90 11.74
C MET D 65 3.46 4.13 10.80
N LEU D 66 3.37 5.21 10.02
CA LEU D 66 4.44 5.65 9.13
C LEU D 66 4.88 7.00 9.67
N TRP D 67 6.18 7.24 9.73
CA TRP D 67 6.65 8.55 10.18
C TRP D 67 8.00 8.89 9.60
N ALA D 68 8.27 10.18 9.48
CA ALA D 68 9.54 10.65 8.97
C ALA D 68 9.94 11.89 9.75
N ASN D 69 11.21 11.95 10.14
CA ASN D 69 11.76 13.03 10.93
C ASN D 69 12.56 14.02 10.10
N PHE D 70 12.04 15.24 9.95
CA PHE D 70 12.73 16.32 9.24
C PHE D 70 13.42 17.24 10.23
N ASP D 71 14.61 17.72 9.91
CA ASP D 71 15.29 18.67 10.78
C ASP D 71 14.36 19.86 10.95
N ALA D 72 14.10 20.24 12.20
CA ALA D 72 13.20 21.34 12.47
C ALA D 72 13.76 22.64 11.91
N PRO D 73 12.92 23.42 11.24
CA PRO D 73 13.36 24.69 10.68
C PRO D 73 13.47 25.77 11.74
N SER D 74 14.24 26.80 11.45
CA SER D 74 14.38 27.93 12.35
C SER D 74 13.05 28.64 12.36
N ASP D 75 12.85 29.51 13.34
CA ASP D 75 11.62 30.26 13.42
C ASP D 75 11.42 31.14 12.18
N VAL D 76 12.51 31.72 11.70
CA VAL D 76 12.47 32.59 10.53
C VAL D 76 12.09 31.80 9.28
N LYS D 77 12.62 30.59 9.16
CA LYS D 77 12.32 29.73 8.02
C LYS D 77 10.84 29.33 8.06
N LEU D 78 10.33 29.11 9.27
CA LEU D 78 8.94 28.72 9.44
C LEU D 78 8.03 29.86 9.00
N GLN D 79 8.43 31.09 9.28
CA GLN D 79 7.65 32.26 8.88
C GLN D 79 7.44 32.31 7.37
N SER D 80 8.48 31.96 6.61
CA SER D 80 8.41 31.98 5.15
C SER D 80 7.73 30.74 4.54
N SER D 81 7.85 29.59 5.20
CA SER D 81 7.31 28.33 4.68
C SER D 81 5.97 27.92 5.28
N ALA D 82 5.51 28.65 6.30
CA ALA D 82 4.29 28.26 7.04
C ALA D 82 3.09 27.99 6.15
N TYR D 83 2.82 28.86 5.20
CA TYR D 83 1.67 28.70 4.33
C TYR D 83 1.71 27.39 3.56
N ASN D 84 2.87 27.08 2.98
CA ASN D 84 3.05 25.86 2.22
C ASN D 84 2.94 24.62 3.11
N ILE D 85 3.43 24.72 4.34
CA ILE D 85 3.36 23.59 5.26
C ILE D 85 1.92 23.38 5.70
N LEU D 86 1.21 24.47 5.96
CA LEU D 86 -0.18 24.39 6.38
C LEU D 86 -1.05 23.76 5.30
N ASN D 87 -0.82 24.18 4.06
CA ASN D 87 -1.58 23.65 2.94
C ASN D 87 -1.38 22.16 2.83
N LEU D 88 -0.14 21.72 3.03
CA LEU D 88 0.18 20.30 2.99
C LEU D 88 -0.55 19.55 4.10
N MET D 89 -0.53 20.11 5.32
CA MET D 89 -1.15 19.44 6.46
CA MET D 89 -1.17 19.52 6.49
C MET D 89 -2.67 19.40 6.37
C MET D 89 -2.67 19.36 6.30
N LEU D 90 -3.27 20.31 5.60
CA LEU D 90 -4.72 20.33 5.40
C LEU D 90 -5.20 19.41 4.28
N MET D 91 -4.27 18.77 3.58
CA MET D 91 -4.62 17.85 2.49
C MET D 91 -5.12 16.55 3.10
N ASN D 92 -6.29 16.11 2.67
CA ASN D 92 -6.84 14.87 3.16
C ASN D 92 -5.99 13.70 2.69
N PHE D 93 -5.97 12.65 3.48
CA PHE D 93 -5.21 11.44 3.22
C PHE D 93 -6.20 10.32 3.55
N SER D 94 -6.68 9.64 2.51
CA SER D 94 -7.75 8.64 2.65
C SER D 94 -7.49 7.42 3.51
N TYR D 95 -6.23 7.06 3.69
CA TYR D 95 -5.87 5.83 4.39
C TYR D 95 -5.64 5.99 5.88
N SER D 96 -5.66 7.24 6.34
CA SER D 96 -5.41 7.60 7.72
C SER D 96 -6.66 7.43 8.57
N ILE D 97 -6.46 7.05 9.83
CA ILE D 97 -7.58 6.88 10.76
C ILE D 97 -8.33 8.20 10.98
N ASN D 98 -7.64 9.33 10.84
CA ASN D 98 -8.28 10.64 11.01
C ASN D 98 -8.34 11.48 9.72
N GLU D 99 -8.11 10.83 8.57
CA GLU D 99 -8.17 11.50 7.27
C GLU D 99 -7.05 12.51 7.02
N LEU D 100 -6.05 12.51 7.88
CA LEU D 100 -4.92 13.44 7.75
C LEU D 100 -3.57 12.79 7.99
N VAL D 101 -2.55 13.50 7.55
CA VAL D 101 -1.18 13.20 7.91
C VAL D 101 -0.94 14.23 9.01
N GLU D 102 -0.30 13.81 10.09
CA GLU D 102 -0.07 14.68 11.23
C GLU D 102 1.32 15.27 11.19
N LEU D 103 1.48 16.43 11.81
CA LEU D 103 2.77 17.07 11.93
C LEU D 103 3.01 17.35 13.41
N HIS D 104 4.07 16.76 13.95
CA HIS D 104 4.41 16.91 15.36
C HIS D 104 5.79 17.50 15.54
N ARG D 105 5.96 18.28 16.59
CA ARG D 105 7.27 18.71 17.01
C ARG D 105 7.73 17.46 17.77
N SER D 106 8.94 17.00 17.49
CA SER D 106 9.47 15.80 18.13
C SER D 106 10.96 16.01 18.34
N ASP D 107 11.35 16.36 19.56
CA ASP D 107 12.74 16.63 19.86
C ASP D 107 13.25 17.68 18.87
N GLU D 108 14.37 17.42 18.19
CA GLU D 108 14.93 18.39 17.26
C GLU D 108 14.36 18.30 15.84
N TYR D 109 13.21 17.65 15.70
CA TYR D 109 12.60 17.44 14.40
C TYR D 109 11.15 17.90 14.26
N LEU D 110 10.73 18.00 13.01
CA LEU D 110 9.33 18.21 12.64
C LEU D 110 9.03 16.83 12.07
N GLN D 111 8.07 16.14 12.68
CA GLN D 111 7.77 14.78 12.28
C GLN D 111 6.42 14.63 11.58
N LEU D 112 6.46 14.08 10.37
CA LEU D 112 5.27 13.76 9.60
C LEU D 112 4.90 12.35 10.05
N ARG D 113 3.64 12.14 10.42
CA ARG D 113 3.21 10.86 10.97
C ARG D 113 1.79 10.53 10.57
N VAL D 114 1.53 9.26 10.27
CA VAL D 114 0.19 8.82 9.93
C VAL D 114 -0.04 7.41 10.47
N VAL D 115 -1.25 7.16 10.96
CA VAL D 115 -1.63 5.83 11.39
C VAL D 115 -2.62 5.35 10.37
N ILE D 116 -2.35 4.18 9.79
CA ILE D 116 -3.15 3.62 8.72
C ILE D 116 -4.27 2.74 9.27
N LYS D 117 -5.44 2.83 8.65
CA LYS D 117 -6.59 2.02 9.05
C LYS D 117 -6.27 0.57 8.71
N ASP D 118 -6.76 -0.36 9.52
CA ASP D 118 -6.50 -1.78 9.32
C ASP D 118 -6.94 -2.30 7.95
N ASP D 119 -7.91 -1.62 7.35
CA ASP D 119 -8.43 -2.00 6.04
C ASP D 119 -7.36 -2.07 4.95
N TYR D 120 -6.27 -1.31 5.13
CA TYR D 120 -5.26 -1.18 4.09
C TYR D 120 -3.89 -1.79 4.38
N VAL D 121 -3.78 -2.63 5.40
CA VAL D 121 -2.48 -3.19 5.76
C VAL D 121 -2.37 -4.71 5.55
N HIS D 122 -3.24 -5.24 4.70
CA HIS D 122 -3.24 -6.67 4.39
C HIS D 122 -3.03 -6.92 2.90
N ASP D 123 -2.80 -5.86 2.14
CA ASP D 123 -2.64 -5.95 0.69
C ASP D 123 -1.45 -5.08 0.28
N GLY D 124 -0.36 -5.71 -0.13
CA GLY D 124 0.84 -5.00 -0.53
C GLY D 124 0.71 -4.03 -1.68
N ILE D 125 -0.23 -4.29 -2.58
CA ILE D 125 -0.46 -3.40 -3.73
C ILE D 125 -1.12 -2.11 -3.25
N VAL D 126 -2.07 -2.25 -2.32
CA VAL D 126 -2.73 -1.08 -1.75
C VAL D 126 -1.73 -0.31 -0.90
N PHE D 127 -0.95 -1.03 -0.09
CA PHE D 127 0.01 -0.39 0.79
C PHE D 127 1.07 0.36 -0.01
N ALA D 128 1.35 -0.11 -1.22
CA ALA D 128 2.30 0.55 -2.12
C ALA D 128 1.84 1.97 -2.42
N GLU D 129 0.54 2.14 -2.64
CA GLU D 129 0.00 3.47 -2.92
C GLU D 129 0.12 4.35 -1.68
N ILE D 130 -0.08 3.78 -0.51
CA ILE D 130 0.04 4.51 0.74
C ILE D 130 1.47 5.03 0.89
N LEU D 131 2.45 4.17 0.64
CA LEU D 131 3.84 4.56 0.74
C LEU D 131 4.18 5.65 -0.29
N HIS D 132 3.65 5.50 -1.49
CA HIS D 132 3.89 6.46 -2.56
C HIS D 132 3.35 7.82 -2.18
N GLU D 133 2.15 7.85 -1.62
CA GLU D 133 1.55 9.12 -1.24
C GLU D 133 2.27 9.72 -0.05
N PHE D 134 2.67 8.89 0.91
CA PHE D 134 3.39 9.40 2.09
C PHE D 134 4.71 10.03 1.61
N TYR D 135 5.37 9.36 0.67
CA TYR D 135 6.61 9.84 0.08
C TYR D 135 6.38 11.19 -0.61
N GLN D 136 5.28 11.32 -1.35
CA GLN D 136 4.95 12.56 -2.04
C GLN D 136 4.74 13.71 -1.06
N ARG D 137 4.12 13.42 0.08
CA ARG D 137 3.90 14.45 1.10
C ARG D 137 5.26 14.85 1.68
N MET D 138 6.13 13.86 1.87
CA MET D 138 7.48 14.10 2.36
C MET D 138 8.24 15.01 1.40
N GLU D 139 8.09 14.74 0.10
CA GLU D 139 8.74 15.54 -0.93
C GLU D 139 8.30 17.00 -0.84
N ILE D 140 7.01 17.23 -0.61
CA ILE D 140 6.47 18.57 -0.54
C ILE D 140 7.05 19.30 0.67
N LEU D 141 7.06 18.65 1.83
CA LEU D 141 7.63 19.27 3.03
C LEU D 141 9.12 19.51 2.86
N ASN D 142 9.82 18.54 2.30
CA ASN D 142 11.25 18.65 2.06
C ASN D 142 11.60 19.88 1.23
N GLY D 143 10.77 20.15 0.23
CA GLY D 143 11.00 21.28 -0.66
C GLY D 143 10.87 22.65 -0.01
N VAL D 144 10.17 22.75 1.11
CA VAL D 144 10.00 24.05 1.77
C VAL D 144 10.75 24.19 3.09
N LEU D 145 11.56 23.19 3.44
CA LEU D 145 12.36 23.24 4.67
C LEU D 145 13.81 23.58 4.37
CL CL E . -6.03 3.45 -19.13
CL CL F . -16.87 -8.65 -13.99
CL CL G . 22.98 -7.28 -19.36
CL CL H . 24.06 -23.36 -12.61
CL CL I . -18.19 10.20 29.48
CL CL J . 0.26 -6.01 9.71
#